data_1SD1
#
_entry.id   1SD1
#
_cell.length_a   121.0
_cell.length_b   121.0
_cell.length_c   44.2
_cell.angle_alpha   90.00
_cell.angle_beta   90.00
_cell.angle_gamma   120.00
#
_symmetry.space_group_name_H-M   'P 3 2 1'
#
loop_
_entity.id
_entity.type
_entity.pdbx_description
1 polymer "5'-methylthioadenosine phosphorylase"
2 non-polymer (1S)-1-(7-amino-1H-pyrazolo[4,3-d]pyrimidin-3-yl)-1,4-anhydro-D-ribitol
3 water water
#
_entity_poly.entity_id   1
_entity_poly.type   'polypeptide(L)'
_entity_poly.pdbx_seq_one_letter_code
;MASGTTTTAVKIGIIGGTGLDDPEILEGRTEKYVDTPFGKPSDALILGKIKNVDCVLLARHGRQHTIMPSKVNYQANIWA
LKEEGCTHVIVTTACGSLREEIQPGDIVIIDQFIDRTTMRPQSFYDGSHSCARGVCHIPMAEPFCPKTREVLIETAKKLG
LRCHSKGTMVTIEGPRFSSRAESFMFRTWGADVINMTTVPEVVLAKEAGICYASIAMATDYDCWKEHEEAVSVDRVLKTL
KENANKAKSLLLTTIPQIGSTEWSETLHNLKNMAQFSVLLPRH
;
_entity_poly.pdbx_strand_id   A
#
# COMPACT_ATOMS: atom_id res chain seq x y z
N ALA A 9 18.41 -9.34 -8.07
CA ALA A 9 17.69 -8.27 -8.81
C ALA A 9 16.28 -8.06 -8.25
N VAL A 10 15.91 -6.80 -8.04
CA VAL A 10 14.59 -6.49 -7.52
C VAL A 10 13.89 -5.52 -8.46
N LYS A 11 12.57 -5.45 -8.32
CA LYS A 11 11.76 -4.54 -9.12
C LYS A 11 10.69 -4.03 -8.17
N ILE A 12 10.65 -2.71 -8.00
CA ILE A 12 9.71 -2.09 -7.07
C ILE A 12 8.42 -1.59 -7.67
N GLY A 13 7.31 -2.18 -7.25
CA GLY A 13 6.02 -1.72 -7.70
C GLY A 13 5.65 -0.61 -6.74
N ILE A 14 5.08 0.46 -7.26
CA ILE A 14 4.67 1.60 -6.42
C ILE A 14 3.23 1.95 -6.71
N ILE A 15 2.36 1.81 -5.71
CA ILE A 15 0.97 2.16 -5.89
C ILE A 15 0.77 3.52 -5.23
N GLY A 16 0.44 4.52 -6.05
CA GLY A 16 0.24 5.86 -5.53
C GLY A 16 -1.18 6.16 -5.12
N GLY A 17 -1.34 6.77 -3.96
CA GLY A 17 -2.66 7.09 -3.49
C GLY A 17 -3.13 8.46 -3.95
N THR A 18 -4.22 8.93 -3.35
CA THR A 18 -4.80 10.22 -3.68
C THR A 18 -3.72 11.30 -3.61
N GLY A 19 -3.47 11.98 -4.72
CA GLY A 19 -2.47 13.02 -4.75
C GLY A 19 -1.11 12.58 -4.25
N LEU A 20 -0.74 11.33 -4.55
CA LEU A 20 0.55 10.79 -4.13
C LEU A 20 1.06 9.82 -5.20
N ASP A 21 0.73 10.13 -6.45
CA ASP A 21 1.13 9.29 -7.58
C ASP A 21 1.72 10.11 -8.73
N ASP A 22 2.86 10.74 -8.48
CA ASP A 22 3.52 11.56 -9.51
C ASP A 22 4.47 10.72 -10.36
N PRO A 23 4.13 10.52 -11.64
CA PRO A 23 4.94 9.74 -12.57
C PRO A 23 6.35 10.29 -12.78
N GLU A 24 6.52 11.58 -12.51
CA GLU A 24 7.81 12.25 -12.65
C GLU A 24 8.84 11.62 -11.71
N ILE A 25 8.37 10.85 -10.74
CA ILE A 25 9.26 10.21 -9.79
C ILE A 25 10.20 9.21 -10.48
N LEU A 26 9.78 8.70 -11.63
CA LEU A 26 10.60 7.74 -12.38
C LEU A 26 11.23 8.35 -13.62
N GLU A 27 12.42 7.89 -13.96
CA GLU A 27 13.11 8.38 -15.14
C GLU A 27 13.00 7.31 -16.23
N GLY A 28 13.13 7.72 -17.49
CA GLY A 28 13.02 6.77 -18.59
C GLY A 28 11.66 6.08 -18.57
N ARG A 29 10.61 6.89 -18.47
CA ARG A 29 9.24 6.38 -18.39
C ARG A 29 8.62 5.84 -19.68
N THR A 30 7.75 4.84 -19.51
CA THR A 30 7.04 4.20 -20.60
C THR A 30 5.70 3.67 -20.08
N GLU A 31 4.61 4.12 -20.71
CA GLU A 31 3.27 3.70 -20.32
C GLU A 31 2.93 2.32 -20.89
N LYS A 32 2.23 1.51 -20.11
CA LYS A 32 1.87 0.16 -20.53
C LYS A 32 0.54 -0.32 -19.94
N TYR A 33 -0.48 -0.46 -20.78
CA TYR A 33 -1.78 -0.93 -20.34
C TYR A 33 -1.78 -2.46 -20.35
N VAL A 34 -2.28 -3.09 -19.30
CA VAL A 34 -2.32 -4.54 -19.25
C VAL A 34 -3.65 -5.07 -18.77
N ASP A 35 -3.82 -6.38 -18.90
CA ASP A 35 -5.05 -7.04 -18.46
C ASP A 35 -4.62 -8.20 -17.57
N THR A 36 -5.53 -8.66 -16.73
CA THR A 36 -5.23 -9.76 -15.83
C THR A 36 -6.46 -10.67 -15.75
N PRO A 37 -6.30 -11.87 -15.16
CA PRO A 37 -7.43 -12.79 -15.05
C PRO A 37 -8.54 -12.20 -14.19
N PHE A 38 -8.21 -11.14 -13.45
CA PHE A 38 -9.18 -10.49 -12.57
C PHE A 38 -9.69 -9.16 -13.10
N GLY A 39 -9.38 -8.87 -14.36
CA GLY A 39 -9.84 -7.62 -14.95
C GLY A 39 -8.72 -6.63 -15.17
N LYS A 40 -9.10 -5.40 -15.49
CA LYS A 40 -8.12 -4.35 -15.75
C LYS A 40 -7.68 -3.62 -14.49
N PRO A 41 -6.39 -3.26 -14.41
CA PRO A 41 -5.85 -2.54 -13.25
C PRO A 41 -6.47 -1.14 -13.29
N SER A 42 -6.33 -0.40 -12.19
CA SER A 42 -6.89 0.95 -12.10
C SER A 42 -6.51 1.86 -13.28
N ASP A 43 -5.28 1.72 -13.77
CA ASP A 43 -4.83 2.54 -14.88
C ASP A 43 -3.62 1.85 -15.47
N ALA A 44 -3.02 2.48 -16.48
CA ALA A 44 -1.84 1.91 -17.13
C ALA A 44 -0.66 1.85 -16.17
N LEU A 45 0.21 0.87 -16.39
CA LEU A 45 1.40 0.73 -15.59
C LEU A 45 2.46 1.66 -16.18
N ILE A 46 3.21 2.34 -15.32
CA ILE A 46 4.26 3.24 -15.79
C ILE A 46 5.60 2.61 -15.45
N LEU A 47 6.32 2.15 -16.47
CA LEU A 47 7.62 1.53 -16.26
C LEU A 47 8.74 2.57 -16.28
N GLY A 48 9.65 2.45 -15.33
CA GLY A 48 10.76 3.39 -15.27
C GLY A 48 11.80 2.99 -14.25
N LYS A 49 12.69 3.92 -13.90
CA LYS A 49 13.74 3.65 -12.93
C LYS A 49 13.97 4.79 -11.96
N ILE A 50 14.56 4.42 -10.84
CA ILE A 50 14.97 5.36 -9.79
C ILE A 50 16.41 4.88 -9.62
N LYS A 51 17.35 5.67 -10.13
CA LYS A 51 18.76 5.30 -10.08
C LYS A 51 18.88 4.07 -10.96
N ASN A 52 19.44 2.99 -10.44
CA ASN A 52 19.58 1.77 -11.23
C ASN A 52 18.51 0.73 -10.92
N VAL A 53 17.48 1.11 -10.18
CA VAL A 53 16.41 0.17 -9.81
C VAL A 53 15.16 0.27 -10.68
N ASP A 54 14.75 -0.86 -11.25
CA ASP A 54 13.54 -0.91 -12.08
C ASP A 54 12.30 -0.73 -11.21
N CYS A 55 11.38 0.12 -11.64
CA CYS A 55 10.16 0.37 -10.89
C CYS A 55 8.93 0.34 -11.81
N VAL A 56 7.77 0.14 -11.20
CA VAL A 56 6.50 0.11 -11.92
C VAL A 56 5.51 0.90 -11.09
N LEU A 57 5.07 2.04 -11.62
CA LEU A 57 4.13 2.92 -10.92
C LEU A 57 2.69 2.72 -11.36
N LEU A 58 1.78 2.75 -10.39
CA LEU A 58 0.36 2.56 -10.67
C LEU A 58 -0.48 3.45 -9.76
N ALA A 59 -1.41 4.20 -10.35
CA ALA A 59 -2.29 5.08 -9.60
C ALA A 59 -3.48 4.27 -9.08
N ARG A 60 -3.54 4.08 -7.76
CA ARG A 60 -4.62 3.29 -7.15
C ARG A 60 -6.03 3.65 -7.62
N HIS A 61 -6.34 4.95 -7.70
CA HIS A 61 -7.68 5.39 -8.10
C HIS A 61 -7.78 5.87 -9.54
N GLY A 62 -6.77 5.55 -10.35
CA GLY A 62 -6.77 5.99 -11.74
C GLY A 62 -6.16 7.37 -11.77
N ARG A 63 -5.42 7.70 -12.84
CA ARG A 63 -4.76 9.00 -12.94
C ARG A 63 -5.67 10.21 -12.78
N GLN A 64 -6.97 10.04 -13.01
CA GLN A 64 -7.90 11.15 -12.87
C GLN A 64 -8.73 10.99 -11.59
N HIS A 65 -8.35 9.99 -10.79
CA HIS A 65 -9.03 9.68 -9.53
C HIS A 65 -10.53 9.62 -9.71
N THR A 66 -11.00 8.55 -10.34
CA THR A 66 -12.42 8.36 -10.60
C THR A 66 -12.94 7.08 -9.97
N ILE A 67 -12.06 6.36 -9.27
CA ILE A 67 -12.45 5.09 -8.64
C ILE A 67 -12.50 5.20 -7.12
N MET A 68 -13.67 4.95 -6.54
CA MET A 68 -13.82 5.02 -5.08
C MET A 68 -13.14 3.79 -4.47
N PRO A 69 -12.68 3.90 -3.21
CA PRO A 69 -12.00 2.80 -2.50
C PRO A 69 -12.66 1.44 -2.61
N SER A 70 -13.98 1.41 -2.44
CA SER A 70 -14.74 0.16 -2.51
C SER A 70 -14.66 -0.52 -3.86
N LYS A 71 -14.50 0.29 -4.92
CA LYS A 71 -14.46 -0.20 -6.30
C LYS A 71 -13.08 -0.44 -6.92
N VAL A 72 -12.01 -0.12 -6.21
CA VAL A 72 -10.68 -0.33 -6.74
C VAL A 72 -10.47 -1.85 -6.95
N ASN A 73 -9.93 -2.22 -8.11
CA ASN A 73 -9.69 -3.63 -8.41
C ASN A 73 -8.34 -4.01 -7.82
N TYR A 74 -8.33 -4.28 -6.52
CA TYR A 74 -7.09 -4.64 -5.82
C TYR A 74 -6.47 -5.90 -6.40
N GLN A 75 -7.31 -6.86 -6.78
CA GLN A 75 -6.81 -8.11 -7.34
C GLN A 75 -6.00 -7.86 -8.63
N ALA A 76 -6.58 -7.09 -9.55
CA ALA A 76 -5.92 -6.79 -10.81
C ALA A 76 -4.65 -5.98 -10.60
N ASN A 77 -4.70 -4.99 -9.71
CA ASN A 77 -3.54 -4.15 -9.45
C ASN A 77 -2.35 -4.97 -8.94
N ILE A 78 -2.60 -5.81 -7.94
CA ILE A 78 -1.52 -6.62 -7.39
C ILE A 78 -1.06 -7.67 -8.41
N TRP A 79 -2.00 -8.29 -9.10
CA TRP A 79 -1.66 -9.30 -10.10
C TRP A 79 -0.81 -8.71 -11.23
N ALA A 80 -1.17 -7.50 -11.68
CA ALA A 80 -0.43 -6.86 -12.76
C ALA A 80 1.01 -6.57 -12.31
N LEU A 81 1.19 -6.07 -11.08
CA LEU A 81 2.54 -5.78 -10.59
C LEU A 81 3.35 -7.07 -10.46
N LYS A 82 2.69 -8.13 -10.00
CA LYS A 82 3.34 -9.42 -9.86
C LYS A 82 3.78 -9.93 -11.24
N GLU A 83 2.86 -9.88 -12.19
CA GLU A 83 3.12 -10.34 -13.56
C GLU A 83 4.24 -9.53 -14.21
N GLU A 84 4.40 -8.29 -13.78
CA GLU A 84 5.43 -7.42 -14.34
C GLU A 84 6.80 -7.76 -13.75
N GLY A 85 6.83 -8.59 -12.73
CA GLY A 85 8.08 -8.98 -12.12
C GLY A 85 8.46 -8.29 -10.81
N CYS A 86 7.54 -7.54 -10.23
CA CYS A 86 7.82 -6.84 -8.98
C CYS A 86 8.09 -7.77 -7.81
N THR A 87 9.16 -7.50 -7.08
CA THR A 87 9.54 -8.29 -5.92
C THR A 87 9.04 -7.53 -4.68
N HIS A 88 8.87 -6.21 -4.85
CA HIS A 88 8.40 -5.34 -3.79
C HIS A 88 7.28 -4.44 -4.26
N VAL A 89 6.44 -4.04 -3.31
CA VAL A 89 5.35 -3.12 -3.58
C VAL A 89 5.29 -2.16 -2.41
N ILE A 90 5.65 -0.90 -2.66
CA ILE A 90 5.62 0.13 -1.63
C ILE A 90 4.52 1.09 -2.08
N VAL A 91 3.63 1.43 -1.16
CA VAL A 91 2.53 2.30 -1.53
C VAL A 91 2.42 3.54 -0.65
N THR A 92 1.61 4.47 -1.10
CA THR A 92 1.36 5.69 -0.35
C THR A 92 -0.14 5.76 -0.11
N THR A 93 -0.53 6.34 1.02
CA THR A 93 -1.93 6.48 1.34
C THR A 93 -2.14 7.61 2.34
N ALA A 94 -3.21 8.37 2.15
CA ALA A 94 -3.54 9.42 3.09
C ALA A 94 -4.26 8.66 4.19
N CYS A 95 -4.34 9.25 5.38
CA CYS A 95 -5.04 8.60 6.48
C CYS A 95 -5.35 9.60 7.58
N GLY A 96 -6.32 9.27 8.40
CA GLY A 96 -6.67 10.14 9.50
C GLY A 96 -5.91 9.65 10.72
N SER A 97 -5.50 10.57 11.59
CA SER A 97 -4.78 10.20 12.80
C SER A 97 -5.75 9.98 13.95
N LEU A 98 -5.57 8.87 14.66
CA LEU A 98 -6.42 8.56 15.82
C LEU A 98 -5.60 8.71 17.10
N ARG A 99 -4.43 9.36 16.98
CA ARG A 99 -3.54 9.55 18.13
C ARG A 99 -2.95 10.97 18.11
N GLU A 100 -3.02 11.65 19.25
CA GLU A 100 -2.51 13.00 19.36
C GLU A 100 -1.08 13.16 18.84
N GLU A 101 -0.20 12.23 19.18
CA GLU A 101 1.20 12.30 18.76
C GLU A 101 1.41 12.17 17.25
N ILE A 102 0.44 11.61 16.56
CA ILE A 102 0.54 11.49 15.10
C ILE A 102 -0.12 12.72 14.51
N GLN A 103 0.69 13.70 14.15
CA GLN A 103 0.17 14.96 13.61
C GLN A 103 0.07 14.96 12.09
N PRO A 104 -0.91 15.70 11.55
CA PRO A 104 -1.07 15.76 10.10
C PRO A 104 0.27 16.18 9.51
N GLY A 105 0.71 15.48 8.47
CA GLY A 105 1.99 15.79 7.87
C GLY A 105 3.01 14.71 8.25
N ASP A 106 2.71 14.01 9.33
CA ASP A 106 3.57 12.93 9.82
C ASP A 106 3.44 11.69 8.95
N ILE A 107 4.52 10.92 8.85
CA ILE A 107 4.49 9.68 8.10
C ILE A 107 4.40 8.55 9.12
N VAL A 108 3.66 7.50 8.78
CA VAL A 108 3.50 6.35 9.65
C VAL A 108 3.82 5.08 8.86
N ILE A 109 4.87 4.39 9.24
CA ILE A 109 5.25 3.16 8.57
C ILE A 109 4.47 2.06 9.29
N ILE A 110 3.19 1.92 8.93
CA ILE A 110 2.30 0.96 9.58
C ILE A 110 2.78 -0.49 9.57
N ASP A 111 2.45 -1.21 10.64
CA ASP A 111 2.86 -2.61 10.77
C ASP A 111 1.69 -3.56 11.04
N GLN A 112 0.50 -3.00 11.25
CA GLN A 112 -0.68 -3.82 11.50
C GLN A 112 -1.93 -3.16 10.92
N PHE A 113 -3.01 -3.91 10.85
CA PHE A 113 -4.26 -3.36 10.35
C PHE A 113 -5.44 -4.03 11.03
N ILE A 114 -6.59 -3.36 10.97
CA ILE A 114 -7.83 -3.87 11.52
C ILE A 114 -8.83 -3.68 10.39
N ASP A 115 -9.37 -4.78 9.89
CA ASP A 115 -10.31 -4.74 8.78
C ASP A 115 -11.73 -4.32 9.20
N ARG A 116 -12.27 -3.33 8.50
CA ARG A 116 -13.64 -2.87 8.74
C ARG A 116 -14.34 -2.76 7.38
N THR A 117 -13.70 -3.33 6.35
CA THR A 117 -14.30 -3.31 5.01
C THR A 117 -15.31 -4.45 4.96
N THR A 118 -16.24 -4.39 3.99
CA THR A 118 -17.27 -5.42 3.89
C THR A 118 -17.55 -6.01 2.51
N MET A 119 -17.36 -5.23 1.45
CA MET A 119 -17.66 -5.74 0.13
C MET A 119 -16.45 -6.00 -0.77
N ARG A 120 -15.32 -6.38 -0.18
CA ARG A 120 -14.12 -6.58 -0.98
C ARG A 120 -13.53 -7.97 -1.08
N PRO A 121 -13.22 -8.41 -2.32
CA PRO A 121 -12.63 -9.73 -2.52
C PRO A 121 -11.25 -9.60 -1.90
N GLN A 122 -10.84 -10.57 -1.09
CA GLN A 122 -9.55 -10.47 -0.44
C GLN A 122 -8.57 -11.57 -0.81
N SER A 123 -8.93 -12.38 -1.79
CA SER A 123 -8.06 -13.47 -2.21
C SER A 123 -8.11 -13.70 -3.72
N PHE A 124 -7.01 -14.20 -4.26
CA PHE A 124 -6.94 -14.52 -5.68
C PHE A 124 -7.61 -15.87 -5.90
N TYR A 125 -7.59 -16.70 -4.85
CA TYR A 125 -8.15 -18.04 -4.92
C TYR A 125 -9.64 -18.05 -4.61
N ASP A 126 -10.43 -17.49 -5.52
CA ASP A 126 -11.87 -17.45 -5.34
C ASP A 126 -12.55 -18.59 -6.09
N GLY A 127 -11.77 -19.59 -6.45
CA GLY A 127 -12.30 -20.74 -7.15
C GLY A 127 -12.96 -20.46 -8.49
N SER A 128 -12.38 -19.55 -9.26
CA SER A 128 -12.94 -19.22 -10.57
C SER A 128 -11.87 -18.76 -11.56
N HIS A 129 -10.61 -19.00 -11.20
CA HIS A 129 -9.49 -18.61 -12.06
C HIS A 129 -8.42 -19.72 -12.07
N SER A 130 -8.10 -20.19 -13.27
CA SER A 130 -7.10 -21.24 -13.45
C SER A 130 -5.76 -20.87 -12.83
N CYS A 131 -5.40 -19.60 -12.96
CA CYS A 131 -4.14 -19.08 -12.43
C CYS A 131 -3.98 -19.26 -10.92
N ALA A 132 -5.10 -19.39 -10.21
CA ALA A 132 -5.06 -19.57 -8.76
C ALA A 132 -6.15 -20.54 -8.33
N ARG A 133 -5.80 -21.82 -8.24
CA ARG A 133 -6.77 -22.83 -7.85
C ARG A 133 -6.57 -23.34 -6.43
N GLY A 134 -7.68 -23.72 -5.81
CA GLY A 134 -7.65 -24.22 -4.44
C GLY A 134 -8.14 -23.16 -3.48
N VAL A 135 -7.98 -23.43 -2.19
CA VAL A 135 -8.40 -22.49 -1.15
C VAL A 135 -7.14 -21.97 -0.45
N CYS A 136 -7.03 -20.65 -0.34
CA CYS A 136 -5.86 -20.05 0.30
C CYS A 136 -6.17 -19.35 1.62
N HIS A 137 -5.50 -19.78 2.68
CA HIS A 137 -5.66 -19.18 4.00
C HIS A 137 -4.31 -18.53 4.32
N ILE A 138 -4.10 -17.33 3.80
CA ILE A 138 -2.85 -16.62 3.99
C ILE A 138 -2.68 -16.09 5.41
N PRO A 139 -1.49 -16.29 6.01
CA PRO A 139 -1.22 -15.81 7.38
C PRO A 139 -1.11 -14.29 7.36
N MET A 140 -1.62 -13.64 8.42
CA MET A 140 -1.57 -12.19 8.49
C MET A 140 -0.98 -11.67 9.80
N ALA A 141 -0.27 -12.53 10.52
CA ALA A 141 0.35 -12.14 11.79
C ALA A 141 1.24 -10.91 11.61
N GLU A 142 1.99 -10.90 10.52
CA GLU A 142 2.90 -9.81 10.16
C GLU A 142 2.54 -9.45 8.71
N PRO A 143 1.51 -8.62 8.53
CA PRO A 143 1.06 -8.23 7.19
C PRO A 143 2.07 -7.47 6.34
N PHE A 144 2.95 -6.69 6.97
CA PHE A 144 3.91 -5.91 6.22
C PHE A 144 5.34 -6.42 6.31
N CYS A 145 6.10 -6.29 5.23
CA CYS A 145 7.49 -6.74 5.20
C CYS A 145 8.37 -5.94 6.17
N PRO A 146 8.87 -6.60 7.24
CA PRO A 146 9.72 -5.92 8.21
C PRO A 146 11.02 -5.33 7.66
N LYS A 147 11.64 -6.02 6.71
CA LYS A 147 12.89 -5.53 6.12
C LYS A 147 12.66 -4.24 5.34
N THR A 148 11.58 -4.19 4.58
CA THR A 148 11.26 -3.01 3.80
C THR A 148 10.88 -1.86 4.73
N ARG A 149 10.07 -2.15 5.74
CA ARG A 149 9.66 -1.13 6.69
C ARG A 149 10.91 -0.56 7.40
N GLU A 150 11.86 -1.43 7.69
CA GLU A 150 13.10 -1.01 8.36
C GLU A 150 13.87 0.02 7.54
N VAL A 151 14.02 -0.22 6.24
CA VAL A 151 14.75 0.71 5.38
C VAL A 151 13.99 2.03 5.23
N LEU A 152 12.66 1.95 5.20
CA LEU A 152 11.84 3.15 5.09
C LEU A 152 12.03 4.01 6.34
N ILE A 153 12.02 3.36 7.50
CA ILE A 153 12.20 4.06 8.78
C ILE A 153 13.56 4.74 8.87
N GLU A 154 14.61 4.01 8.53
CA GLU A 154 15.96 4.57 8.58
C GLU A 154 16.14 5.71 7.57
N THR A 155 15.56 5.55 6.38
CA THR A 155 15.68 6.58 5.36
C THR A 155 14.94 7.85 5.79
N ALA A 156 13.79 7.69 6.43
CA ALA A 156 13.02 8.83 6.90
C ALA A 156 13.86 9.58 7.92
N LYS A 157 14.58 8.82 8.74
CA LYS A 157 15.45 9.42 9.76
C LYS A 157 16.57 10.21 9.10
N LYS A 158 17.16 9.66 8.05
CA LYS A 158 18.23 10.33 7.32
C LYS A 158 17.72 11.60 6.64
N LEU A 159 16.43 11.63 6.33
CA LEU A 159 15.83 12.80 5.69
C LEU A 159 15.28 13.80 6.70
N GLY A 160 15.42 13.47 7.98
CA GLY A 160 14.95 14.35 9.04
C GLY A 160 13.44 14.51 9.12
N LEU A 161 12.71 13.55 8.56
CA LEU A 161 11.24 13.60 8.55
C LEU A 161 10.58 13.06 9.81
N ARG A 162 9.48 13.69 10.23
CA ARG A 162 8.73 13.21 11.39
C ARG A 162 8.13 11.90 10.90
N CYS A 163 8.52 10.81 11.56
CA CYS A 163 8.06 9.49 11.15
C CYS A 163 7.85 8.56 12.33
N HIS A 164 6.71 7.87 12.32
CA HIS A 164 6.38 6.92 13.37
C HIS A 164 6.76 5.54 12.88
N SER A 165 7.52 4.83 13.71
CA SER A 165 8.04 3.50 13.39
C SER A 165 7.06 2.35 13.34
N LYS A 166 5.83 2.57 13.81
CA LYS A 166 4.82 1.53 13.75
C LYS A 166 3.45 2.15 13.88
N GLY A 167 2.42 1.35 13.67
CA GLY A 167 1.07 1.88 13.77
C GLY A 167 0.07 0.90 13.19
N THR A 168 -1.14 0.91 13.75
CA THR A 168 -2.19 0.02 13.28
C THR A 168 -3.21 0.80 12.46
N MET A 169 -3.36 0.39 11.20
CA MET A 169 -4.30 1.04 10.29
C MET A 169 -5.66 0.35 10.28
N VAL A 170 -6.71 1.10 10.60
CA VAL A 170 -8.04 0.52 10.52
C VAL A 170 -8.56 0.96 9.17
N THR A 171 -8.93 0.00 8.33
CA THR A 171 -9.45 0.31 7.00
C THR A 171 -10.96 0.15 6.97
N ILE A 172 -11.66 1.26 6.73
CA ILE A 172 -13.11 1.26 6.68
C ILE A 172 -13.56 1.13 5.23
N GLU A 173 -14.79 0.68 5.04
CA GLU A 173 -15.33 0.48 3.69
C GLU A 173 -15.47 1.78 2.93
N GLY A 174 -15.98 2.81 3.59
CA GLY A 174 -16.16 4.08 2.92
C GLY A 174 -17.36 3.95 2.00
N PRO A 175 -17.57 4.91 1.07
CA PRO A 175 -16.72 6.09 0.88
C PRO A 175 -16.90 7.17 1.94
N ARG A 176 -17.92 7.04 2.78
CA ARG A 176 -18.17 8.01 3.84
C ARG A 176 -17.07 7.95 4.89
N PHE A 177 -16.88 9.06 5.60
CA PHE A 177 -15.92 9.11 6.69
C PHE A 177 -16.65 8.52 7.89
N SER A 178 -15.92 8.23 8.97
CA SER A 178 -16.49 7.64 10.18
C SER A 178 -17.29 8.63 11.02
N SER A 179 -18.22 8.10 11.81
CA SER A 179 -19.00 8.93 12.72
C SER A 179 -18.08 9.12 13.93
N ARG A 180 -18.43 10.05 14.81
CA ARG A 180 -17.59 10.27 15.99
C ARG A 180 -17.59 9.04 16.89
N ALA A 181 -18.74 8.39 17.00
CA ALA A 181 -18.85 7.20 17.82
C ALA A 181 -17.91 6.11 17.28
N GLU A 182 -17.84 5.98 15.96
CA GLU A 182 -16.95 4.96 15.38
C GLU A 182 -15.49 5.37 15.61
N SER A 183 -15.21 6.66 15.45
CA SER A 183 -13.86 7.18 15.64
C SER A 183 -13.37 6.85 17.06
N PHE A 184 -14.19 7.14 18.07
CA PHE A 184 -13.80 6.84 19.45
C PHE A 184 -13.58 5.34 19.64
N MET A 185 -14.49 4.56 19.10
CA MET A 185 -14.43 3.11 19.20
C MET A 185 -13.13 2.55 18.61
N PHE A 186 -12.75 3.02 17.43
CA PHE A 186 -11.52 2.56 16.81
C PHE A 186 -10.32 2.82 17.72
N ARG A 187 -10.34 3.94 18.41
CA ARG A 187 -9.25 4.27 19.33
C ARG A 187 -9.19 3.22 20.44
N THR A 188 -10.34 2.82 20.97
CA THR A 188 -10.35 1.82 22.04
C THR A 188 -9.86 0.47 21.53
N TRP A 189 -10.03 0.23 20.22
CA TRP A 189 -9.57 -1.04 19.63
C TRP A 189 -8.07 -1.05 19.41
N GLY A 190 -7.42 0.09 19.63
CA GLY A 190 -5.98 0.17 19.43
C GLY A 190 -5.56 0.67 18.06
N ALA A 191 -6.51 1.15 17.25
CA ALA A 191 -6.17 1.68 15.93
C ALA A 191 -5.42 3.00 16.11
N ASP A 192 -4.44 3.27 15.25
CA ASP A 192 -3.66 4.49 15.33
C ASP A 192 -3.95 5.46 14.21
N VAL A 193 -4.23 4.91 13.03
CA VAL A 193 -4.56 5.69 11.85
C VAL A 193 -5.71 4.99 11.12
N ILE A 194 -6.39 5.73 10.25
CA ILE A 194 -7.54 5.19 9.54
C ILE A 194 -7.57 5.58 8.06
N ASN A 195 -7.91 4.61 7.21
CA ASN A 195 -8.00 4.88 5.77
C ASN A 195 -9.04 3.96 5.13
N MET A 196 -9.09 3.95 3.80
CA MET A 196 -10.08 3.15 3.10
C MET A 196 -9.50 2.17 2.08
N THR A 197 -8.18 2.02 2.03
CA THR A 197 -7.57 1.16 1.01
C THR A 197 -6.51 0.12 1.40
N THR A 198 -6.01 0.16 2.63
CA THR A 198 -4.97 -0.79 3.02
C THR A 198 -5.43 -2.25 2.86
N VAL A 199 -6.66 -2.53 3.27
CA VAL A 199 -7.23 -3.87 3.13
C VAL A 199 -8.13 -3.77 1.90
N PRO A 200 -8.08 -4.75 0.99
CA PRO A 200 -7.28 -5.97 0.93
C PRO A 200 -5.95 -5.89 0.17
N GLU A 201 -5.49 -4.70 -0.13
CA GLU A 201 -4.24 -4.52 -0.86
C GLU A 201 -3.07 -5.28 -0.21
N VAL A 202 -2.90 -5.12 1.10
CA VAL A 202 -1.83 -5.80 1.81
C VAL A 202 -2.00 -7.32 1.81
N VAL A 203 -3.25 -7.78 1.84
CA VAL A 203 -3.54 -9.22 1.88
C VAL A 203 -3.18 -9.90 0.55
N LEU A 204 -3.58 -9.27 -0.54
CA LEU A 204 -3.33 -9.82 -1.87
C LEU A 204 -1.83 -9.81 -2.19
N ALA A 205 -1.12 -8.80 -1.70
CA ALA A 205 0.32 -8.71 -1.92
C ALA A 205 0.97 -9.92 -1.23
N LYS A 206 0.45 -10.28 -0.07
CA LYS A 206 0.98 -11.41 0.68
C LYS A 206 0.78 -12.71 -0.10
N GLU A 207 -0.43 -12.91 -0.61
CA GLU A 207 -0.73 -14.12 -1.38
C GLU A 207 0.17 -14.22 -2.61
N ALA A 208 0.57 -13.06 -3.13
CA ALA A 208 1.42 -13.00 -4.32
C ALA A 208 2.90 -13.19 -4.00
N GLY A 209 3.23 -13.34 -2.72
CA GLY A 209 4.62 -13.52 -2.33
C GLY A 209 5.46 -12.27 -2.52
N ILE A 210 4.81 -11.11 -2.43
CA ILE A 210 5.49 -9.83 -2.61
C ILE A 210 5.76 -9.11 -1.28
N CYS A 211 6.93 -8.47 -1.19
CA CYS A 211 7.27 -7.71 0.01
C CYS A 211 6.46 -6.42 -0.08
N TYR A 212 5.52 -6.23 0.85
CA TYR A 212 4.66 -5.07 0.83
C TYR A 212 4.87 -4.14 2.02
N ALA A 213 4.93 -2.84 1.75
CA ALA A 213 5.10 -1.84 2.79
C ALA A 213 4.26 -0.61 2.45
N SER A 214 3.79 0.09 3.47
CA SER A 214 2.96 1.26 3.26
C SER A 214 3.45 2.53 3.92
N ILE A 215 3.48 3.60 3.14
CA ILE A 215 3.89 4.92 3.61
C ILE A 215 2.59 5.68 3.85
N ALA A 216 2.14 5.69 5.09
CA ALA A 216 0.91 6.37 5.46
C ALA A 216 1.20 7.81 5.86
N MET A 217 0.49 8.73 5.24
CA MET A 217 0.65 10.15 5.52
C MET A 217 -0.61 10.67 6.21
N ALA A 218 -0.48 11.04 7.49
CA ALA A 218 -1.60 11.57 8.25
C ALA A 218 -1.99 12.90 7.62
N THR A 219 -3.27 13.05 7.31
CA THR A 219 -3.76 14.27 6.68
C THR A 219 -4.79 15.00 7.51
N ASP A 220 -5.22 14.37 8.60
CA ASP A 220 -6.25 14.94 9.48
C ASP A 220 -6.32 14.14 10.77
N TYR A 221 -7.18 14.57 11.69
CA TYR A 221 -7.37 13.91 12.97
C TYR A 221 -8.75 13.24 13.00
N ASP A 222 -9.26 12.89 11.81
CA ASP A 222 -10.58 12.27 11.69
C ASP A 222 -11.57 13.18 12.42
N CYS A 223 -12.32 12.65 13.41
CA CYS A 223 -13.27 13.52 14.11
C CYS A 223 -13.37 13.28 15.61
N TRP A 224 -12.41 12.56 16.18
CA TRP A 224 -12.46 12.30 17.61
C TRP A 224 -11.99 13.53 18.39
N ALA A 230 -13.68 16.77 12.27
CA ALA A 230 -13.29 17.94 11.49
C ALA A 230 -12.77 17.55 10.12
N VAL A 231 -12.54 16.26 9.89
CA VAL A 231 -12.05 15.80 8.59
C VAL A 231 -13.03 16.10 7.46
N SER A 232 -12.51 16.45 6.29
CA SER A 232 -13.32 16.73 5.12
C SER A 232 -12.42 16.52 3.92
N VAL A 233 -13.01 16.34 2.74
CA VAL A 233 -12.23 16.13 1.53
C VAL A 233 -11.25 17.27 1.30
N ASP A 234 -11.72 18.50 1.45
CA ASP A 234 -10.86 19.67 1.24
C ASP A 234 -9.66 19.69 2.19
N ARG A 235 -9.89 19.31 3.44
CA ARG A 235 -8.82 19.27 4.43
C ARG A 235 -7.77 18.23 4.06
N VAL A 236 -8.23 17.06 3.60
CA VAL A 236 -7.33 15.99 3.22
C VAL A 236 -6.48 16.40 2.01
N LEU A 237 -7.14 16.92 0.97
CA LEU A 237 -6.46 17.36 -0.23
C LEU A 237 -5.43 18.44 0.08
N LYS A 238 -5.82 19.36 0.97
CA LYS A 238 -4.95 20.46 1.37
C LYS A 238 -3.68 19.94 2.06
N THR A 239 -3.83 18.99 2.97
CA THR A 239 -2.67 18.45 3.66
C THR A 239 -1.78 17.65 2.72
N LEU A 240 -2.39 16.87 1.84
CA LEU A 240 -1.63 16.07 0.88
C LEU A 240 -0.79 16.96 -0.03
N LYS A 241 -1.39 18.04 -0.50
CA LYS A 241 -0.70 18.99 -1.37
C LYS A 241 0.54 19.56 -0.68
N GLU A 242 0.38 19.89 0.60
CA GLU A 242 1.46 20.44 1.40
C GLU A 242 2.57 19.45 1.74
N ASN A 243 2.24 18.16 1.82
CA ASN A 243 3.22 17.15 2.21
C ASN A 243 3.60 16.09 1.20
N ALA A 244 3.05 16.16 -0.01
CA ALA A 244 3.34 15.15 -1.04
C ALA A 244 4.84 14.95 -1.29
N ASN A 245 5.60 16.03 -1.25
CA ASN A 245 7.04 15.99 -1.48
C ASN A 245 7.77 15.03 -0.54
N LYS A 246 7.23 14.83 0.65
CA LYS A 246 7.86 13.95 1.64
C LYS A 246 7.89 12.49 1.19
N ALA A 247 6.73 11.98 0.77
CA ALA A 247 6.62 10.60 0.33
C ALA A 247 7.47 10.39 -0.93
N LYS A 248 7.48 11.38 -1.81
CA LYS A 248 8.26 11.30 -3.04
C LYS A 248 9.75 11.17 -2.69
N SER A 249 10.23 12.05 -1.82
CA SER A 249 11.63 12.04 -1.41
C SER A 249 11.98 10.73 -0.70
N LEU A 250 11.08 10.26 0.14
CA LEU A 250 11.30 9.01 0.87
C LEU A 250 11.46 7.84 -0.10
N LEU A 251 10.58 7.76 -1.09
CA LEU A 251 10.65 6.70 -2.09
C LEU A 251 11.93 6.77 -2.92
N LEU A 252 12.26 7.99 -3.38
CA LEU A 252 13.45 8.19 -4.18
C LEU A 252 14.74 7.80 -3.47
N THR A 253 14.77 8.00 -2.16
CA THR A 253 15.96 7.69 -1.36
C THR A 253 15.96 6.25 -0.84
N THR A 254 14.78 5.72 -0.56
CA THR A 254 14.65 4.36 -0.05
C THR A 254 14.91 3.27 -1.10
N ILE A 255 14.32 3.45 -2.28
CA ILE A 255 14.43 2.46 -3.35
C ILE A 255 15.85 2.07 -3.75
N PRO A 256 16.78 3.03 -3.87
CA PRO A 256 18.14 2.65 -4.24
C PRO A 256 18.77 1.81 -3.14
N GLN A 257 18.36 2.04 -1.89
CA GLN A 257 18.90 1.29 -0.76
C GLN A 257 18.42 -0.16 -0.84
N ILE A 258 17.14 -0.35 -1.15
CA ILE A 258 16.57 -1.69 -1.27
C ILE A 258 17.33 -2.43 -2.37
N GLY A 259 17.59 -1.74 -3.47
CA GLY A 259 18.29 -2.34 -4.58
C GLY A 259 19.74 -2.69 -4.28
N SER A 260 20.29 -2.15 -3.20
CA SER A 260 21.67 -2.43 -2.85
C SER A 260 21.85 -3.58 -1.87
N THR A 261 20.74 -4.18 -1.43
CA THR A 261 20.82 -5.30 -0.49
C THR A 261 20.29 -6.59 -1.11
N GLU A 262 20.58 -7.72 -0.45
CA GLU A 262 20.16 -9.03 -0.92
C GLU A 262 18.81 -9.44 -0.32
N TRP A 263 17.87 -9.81 -1.19
CA TRP A 263 16.53 -10.19 -0.75
C TRP A 263 16.14 -11.63 -1.05
N SER A 264 17.04 -12.37 -1.70
CA SER A 264 16.76 -13.76 -2.06
C SER A 264 16.11 -14.59 -0.95
N GLU A 265 16.65 -14.50 0.26
CA GLU A 265 16.10 -15.26 1.39
C GLU A 265 14.72 -14.76 1.81
N THR A 266 14.58 -13.44 1.93
CA THR A 266 13.31 -12.84 2.32
C THR A 266 12.22 -13.24 1.33
N LEU A 267 12.53 -13.16 0.04
CA LEU A 267 11.58 -13.51 -1.00
C LEU A 267 11.29 -15.00 -1.03
N HIS A 268 12.28 -15.81 -0.67
CA HIS A 268 12.09 -17.26 -0.64
C HIS A 268 11.07 -17.62 0.44
N ASN A 269 11.28 -17.07 1.63
CA ASN A 269 10.38 -17.34 2.76
C ASN A 269 8.96 -16.89 2.47
N LEU A 270 8.82 -15.80 1.72
CA LEU A 270 7.50 -15.28 1.38
C LEU A 270 6.84 -16.21 0.37
N LYS A 271 7.62 -16.70 -0.58
CA LYS A 271 7.10 -17.61 -1.60
C LYS A 271 6.58 -18.88 -0.92
N ASN A 272 7.37 -19.42 0.01
CA ASN A 272 7.01 -20.63 0.74
C ASN A 272 5.72 -20.43 1.55
N MET A 273 5.66 -19.33 2.30
CA MET A 273 4.49 -19.04 3.11
C MET A 273 3.24 -19.03 2.23
N ALA A 274 3.32 -18.35 1.09
CA ALA A 274 2.18 -18.26 0.17
C ALA A 274 1.80 -19.61 -0.41
N GLN A 275 2.80 -20.35 -0.88
CA GLN A 275 2.58 -21.66 -1.48
C GLN A 275 1.94 -22.65 -0.51
N PHE A 276 2.45 -22.69 0.71
CA PHE A 276 1.93 -23.62 1.70
C PHE A 276 0.64 -23.18 2.38
N SER A 277 0.08 -22.06 1.92
CA SER A 277 -1.18 -21.57 2.48
C SER A 277 -2.33 -22.03 1.60
N VAL A 278 -1.99 -22.65 0.47
CA VAL A 278 -3.00 -23.13 -0.47
C VAL A 278 -3.37 -24.60 -0.32
N LEU A 279 -4.68 -24.85 -0.22
CA LEU A 279 -5.20 -26.21 -0.10
C LEU A 279 -5.74 -26.64 -1.46
N LEU A 280 -5.12 -27.68 -2.04
CA LEU A 280 -5.54 -28.18 -3.34
C LEU A 280 -6.61 -29.26 -3.19
N PRO A 281 -7.39 -29.50 -4.25
CA PRO A 281 -8.45 -30.51 -4.22
C PRO A 281 -7.94 -31.91 -3.83
#